data_9MGT
#
_entry.id   9MGT
#
_cell.length_a   35.179
_cell.length_b   101.598
_cell.length_c   39.828
_cell.angle_alpha   90.00
_cell.angle_beta   106.11
_cell.angle_gamma   90.00
#
_symmetry.space_group_name_H-M   'P 1 21 1'
#
loop_
_entity.id
_entity.type
_entity.pdbx_description
1 polymer 'Aminoglycoside N-acetyltransferase AAC(3)-XI'
2 non-polymer 'COENZYME A'
3 non-polymer TOBRAMYCIN
4 water water
#
_entity_poly.entity_id   1
_entity_poly.type   'polypeptide(L)'
_entity_poly.pdbx_seq_one_letter_code
;MTTTNEIRVAEVADAGVVAKLLRDFNTEFDTPVPEGLEERFAQIIAHDDAFVLLAGDIGFAYVTLRPSPYYDGPVAMLDE
LYVAPAHRNRGVGTALLQRVFEEIRKHSAGELQINVDEVDTDARRFYERHGLTNIEQGSRMLLYIREL
;
_entity_poly.pdbx_strand_id   A,B
#
# COMPACT_ATOMS: atom_id res chain seq x y z
N GLU A 6 8.68 4.50 -26.85
CA GLU A 6 8.51 5.40 -25.72
C GLU A 6 7.59 4.77 -24.67
N ILE A 7 7.24 5.55 -23.65
CA ILE A 7 6.40 5.07 -22.55
C ILE A 7 4.95 5.47 -22.82
N ARG A 8 4.03 4.54 -22.61
CA ARG A 8 2.62 4.77 -22.81
C ARG A 8 1.82 4.17 -21.65
N VAL A 9 0.63 4.72 -21.45
CA VAL A 9 -0.32 4.12 -20.52
C VAL A 9 -0.93 2.89 -21.19
N ALA A 10 -0.89 1.77 -20.50
CA ALA A 10 -1.41 0.54 -21.07
C ALA A 10 -2.92 0.59 -21.24
N GLU A 11 -3.39 0.05 -22.35
CA GLU A 11 -4.81 -0.20 -22.57
C GLU A 11 -5.12 -1.66 -22.29
N VAL A 12 -6.41 -1.99 -22.27
CA VAL A 12 -6.81 -3.37 -22.01
C VAL A 12 -6.13 -4.33 -22.97
N ALA A 13 -5.98 -3.92 -24.23
CA ALA A 13 -5.35 -4.81 -25.21
C ALA A 13 -3.90 -5.12 -24.87
N ASP A 14 -3.28 -4.34 -23.99
CA ASP A 14 -1.90 -4.55 -23.59
C ASP A 14 -1.76 -5.50 -22.42
N ALA A 15 -2.87 -6.02 -21.89
CA ALA A 15 -2.81 -6.90 -20.72
C ALA A 15 -1.85 -8.06 -20.96
N GLY A 16 -1.83 -8.60 -22.18
CA GLY A 16 -0.95 -9.73 -22.47
C GLY A 16 0.52 -9.36 -22.41
N VAL A 17 0.87 -8.16 -22.89
CA VAL A 17 2.23 -7.68 -22.79
C VAL A 17 2.63 -7.53 -21.32
N VAL A 18 1.73 -6.93 -20.52
CA VAL A 18 2.06 -6.70 -19.12
C VAL A 18 2.20 -8.01 -18.37
N ALA A 19 1.29 -8.96 -18.60
CA ALA A 19 1.39 -10.25 -17.94
C ALA A 19 2.72 -10.93 -18.28
N LYS A 20 3.11 -10.86 -19.56
N LYS A 20 3.12 -10.85 -19.56
CA LYS A 20 4.38 -11.45 -19.99
CA LYS A 20 4.38 -11.47 -19.97
C LYS A 20 5.54 -10.86 -19.20
C LYS A 20 5.56 -10.86 -19.22
N LEU A 21 5.56 -9.53 -19.07
CA LEU A 21 6.67 -8.88 -18.37
C LEU A 21 6.68 -9.26 -16.89
N LEU A 22 5.51 -9.31 -16.24
CA LEU A 22 5.47 -9.70 -14.84
C LEU A 22 5.92 -11.15 -14.69
N ARG A 23 5.46 -12.03 -15.58
CA ARG A 23 5.95 -13.41 -15.59
C ARG A 23 7.47 -13.44 -15.68
N ASP A 24 8.05 -12.74 -16.65
CA ASP A 24 9.50 -12.68 -16.76
C ASP A 24 10.12 -12.16 -15.49
N PHE A 25 9.55 -11.09 -14.92
CA PHE A 25 10.01 -10.54 -13.65
C PHE A 25 10.05 -11.62 -12.57
N ASN A 26 8.92 -12.31 -12.35
CA ASN A 26 8.89 -13.31 -11.29
C ASN A 26 9.81 -14.48 -11.62
N THR A 27 9.86 -14.90 -12.89
CA THR A 27 10.79 -15.97 -13.28
C THR A 27 12.22 -15.58 -12.97
N GLU A 28 12.61 -14.33 -13.24
CA GLU A 28 13.99 -13.92 -12.98
C GLU A 28 14.35 -14.11 -11.52
N PHE A 29 13.41 -13.88 -10.60
CA PHE A 29 13.69 -13.91 -9.17
C PHE A 29 13.10 -15.15 -8.51
N ASP A 30 12.95 -16.23 -9.27
CA ASP A 30 12.50 -17.53 -8.75
C ASP A 30 11.27 -17.36 -7.86
N THR A 31 10.27 -16.65 -8.39
CA THR A 31 9.02 -16.43 -7.67
C THR A 31 7.87 -17.07 -8.43
N PRO A 32 6.93 -17.72 -7.74
CA PRO A 32 5.80 -18.34 -8.44
C PRO A 32 5.04 -17.33 -9.26
N VAL A 33 4.63 -17.75 -10.46
CA VAL A 33 3.84 -16.94 -11.37
C VAL A 33 2.39 -17.40 -11.26
N PRO A 34 1.48 -16.61 -10.67
CA PRO A 34 0.10 -17.08 -10.55
C PRO A 34 -0.59 -17.14 -11.89
N GLU A 35 -1.58 -18.01 -11.99
CA GLU A 35 -2.37 -18.10 -13.21
C GLU A 35 -3.31 -16.91 -13.32
N GLY A 36 -3.80 -16.68 -14.52
CA GLY A 36 -4.77 -15.63 -14.74
C GLY A 36 -4.23 -14.23 -14.70
N LEU A 37 -2.91 -14.05 -14.86
CA LEU A 37 -2.33 -12.72 -14.84
C LEU A 37 -2.96 -11.84 -15.92
N GLU A 38 -3.03 -12.34 -17.16
CA GLU A 38 -3.53 -11.51 -18.25
C GLU A 38 -4.97 -11.08 -17.99
N GLU A 39 -5.83 -12.04 -17.62
CA GLU A 39 -7.23 -11.72 -17.39
C GLU A 39 -7.40 -10.73 -16.24
N ARG A 40 -6.56 -10.82 -15.21
CA ARG A 40 -6.68 -9.89 -14.10
C ARG A 40 -6.17 -8.51 -14.48
N PHE A 41 -5.06 -8.44 -15.22
CA PHE A 41 -4.57 -7.15 -15.68
C PHE A 41 -5.58 -6.47 -16.59
N ALA A 42 -6.27 -7.25 -17.43
CA ALA A 42 -7.29 -6.68 -18.29
C ALA A 42 -8.38 -6.01 -17.48
N GLN A 43 -8.83 -6.65 -16.41
CA GLN A 43 -9.86 -6.05 -15.55
C GLN A 43 -9.31 -4.84 -14.80
N ILE A 44 -8.10 -4.97 -14.25
CA ILE A 44 -7.51 -3.88 -13.47
C ILE A 44 -7.32 -2.65 -14.35
N ILE A 45 -6.75 -2.85 -15.53
CA ILE A 45 -6.52 -1.73 -16.43
C ILE A 45 -7.85 -1.08 -16.83
N ALA A 46 -8.89 -1.89 -17.00
CA ALA A 46 -10.17 -1.39 -17.52
C ALA A 46 -10.98 -0.63 -16.46
N HIS A 47 -11.03 -1.15 -15.23
CA HIS A 47 -12.07 -0.76 -14.27
C HIS A 47 -11.55 -0.10 -13.01
N ASP A 48 -10.40 -0.52 -12.50
CA ASP A 48 -10.00 -0.17 -11.15
C ASP A 48 -9.23 1.16 -11.12
N ASP A 49 -8.97 1.62 -9.89
CA ASP A 49 -8.16 2.82 -9.66
C ASP A 49 -6.70 2.37 -9.64
N ALA A 50 -6.19 2.14 -10.85
CA ALA A 50 -4.83 1.65 -11.05
C ALA A 50 -4.49 1.85 -12.52
N PHE A 51 -3.20 1.81 -12.82
CA PHE A 51 -2.79 1.90 -14.21
C PHE A 51 -1.42 1.24 -14.37
N VAL A 52 -1.11 0.89 -15.60
CA VAL A 52 0.16 0.29 -15.96
C VAL A 52 0.83 1.18 -17.01
N LEU A 53 2.10 1.48 -16.81
CA LEU A 53 2.93 2.15 -17.79
C LEU A 53 3.78 1.11 -18.50
N LEU A 54 3.93 1.26 -19.82
CA LEU A 54 4.72 0.34 -20.63
C LEU A 54 5.83 1.08 -21.36
N ALA A 55 7.04 0.60 -21.22
CA ALA A 55 8.19 1.06 -22.01
C ALA A 55 8.35 0.05 -23.14
N GLY A 56 7.78 0.37 -24.30
CA GLY A 56 7.73 -0.59 -25.38
C GLY A 56 7.16 -1.90 -24.85
N ASP A 57 7.89 -2.99 -25.07
CA ASP A 57 7.59 -4.27 -24.44
C ASP A 57 8.77 -4.77 -23.61
N ILE A 58 9.59 -3.84 -23.11
CA ILE A 58 10.80 -4.18 -22.37
C ILE A 58 10.73 -3.78 -20.90
N GLY A 59 9.66 -3.12 -20.47
CA GLY A 59 9.56 -2.66 -19.07
C GLY A 59 8.18 -2.11 -18.76
N PHE A 60 7.85 -2.13 -17.47
CA PHE A 60 6.55 -1.60 -17.05
C PHE A 60 6.58 -1.11 -15.61
N ALA A 61 5.61 -0.28 -15.28
CA ALA A 61 5.33 0.15 -13.91
C ALA A 61 3.85 -0.06 -13.65
N TYR A 62 3.53 -0.69 -12.54
CA TYR A 62 2.14 -0.93 -12.13
C TYR A 62 1.87 -0.11 -10.88
N VAL A 63 0.88 0.76 -10.94
CA VAL A 63 0.61 1.75 -9.91
C VAL A 63 -0.84 1.59 -9.45
N THR A 64 -1.04 1.51 -8.15
CA THR A 64 -2.39 1.51 -7.59
C THR A 64 -2.64 2.82 -6.86
N LEU A 65 -3.92 3.21 -6.83
CA LEU A 65 -4.38 4.41 -6.17
C LEU A 65 -5.41 4.00 -5.11
N ARG A 66 -5.28 4.54 -3.91
CA ARG A 66 -6.18 4.19 -2.84
C ARG A 66 -6.47 5.41 -2.00
N PRO A 67 -7.57 5.42 -1.26
CA PRO A 67 -7.99 6.65 -0.58
C PRO A 67 -7.11 6.99 0.61
N SER A 68 -7.07 8.28 0.92
CA SER A 68 -6.36 8.79 2.09
C SER A 68 -7.14 9.94 2.71
N PRO A 69 -7.25 9.98 4.04
CA PRO A 69 -7.84 11.16 4.69
C PRO A 69 -6.89 12.34 4.80
N TYR A 70 -5.63 12.18 4.37
CA TYR A 70 -4.61 13.20 4.58
C TYR A 70 -4.65 14.29 3.52
N TYR A 71 -5.29 14.03 2.38
CA TYR A 71 -5.44 15.04 1.34
C TYR A 71 -6.55 14.58 0.41
N ASP A 72 -6.95 15.48 -0.48
CA ASP A 72 -8.10 15.19 -1.34
C ASP A 72 -7.82 14.03 -2.28
N GLY A 73 -6.60 13.92 -2.75
CA GLY A 73 -6.26 12.90 -3.71
C GLY A 73 -5.92 11.58 -3.04
N PRO A 74 -5.55 10.61 -3.87
CA PRO A 74 -5.19 9.28 -3.35
C PRO A 74 -3.74 9.24 -2.90
N VAL A 75 -3.40 8.14 -2.25
CA VAL A 75 -2.01 7.74 -2.07
C VAL A 75 -1.72 6.69 -3.13
N ALA A 76 -0.63 6.91 -3.87
CA ALA A 76 -0.20 6.03 -4.94
C ALA A 76 0.84 5.05 -4.41
N MET A 77 0.76 3.82 -4.92
CA MET A 77 1.73 2.79 -4.61
C MET A 77 2.29 2.23 -5.91
N LEU A 78 3.61 2.24 -6.05
CA LEU A 78 4.28 1.62 -7.19
C LEU A 78 4.46 0.16 -6.81
N ASP A 79 3.48 -0.66 -7.16
CA ASP A 79 3.47 -2.06 -6.73
C ASP A 79 4.44 -2.92 -7.53
N GLU A 80 4.73 -2.57 -8.79
CA GLU A 80 5.74 -3.30 -9.56
C GLU A 80 6.46 -2.31 -10.46
N LEU A 81 7.77 -2.46 -10.56
CA LEU A 81 8.59 -1.71 -11.51
C LEU A 81 9.65 -2.65 -12.07
N TYR A 82 9.71 -2.79 -13.38
CA TYR A 82 10.60 -3.78 -13.98
C TYR A 82 11.06 -3.33 -15.35
N VAL A 83 12.35 -3.54 -15.61
CA VAL A 83 12.95 -3.39 -16.94
C VAL A 83 13.62 -4.70 -17.29
N ALA A 84 13.41 -5.17 -18.50
CA ALA A 84 13.97 -6.46 -18.90
C ALA A 84 15.49 -6.44 -18.73
N PRO A 85 16.10 -7.55 -18.32
CA PRO A 85 17.54 -7.51 -17.98
C PRO A 85 18.41 -6.90 -19.07
N ALA A 86 18.19 -7.23 -20.33
CA ALA A 86 19.09 -6.75 -21.37
C ALA A 86 18.95 -5.26 -21.65
N HIS A 87 17.96 -4.60 -21.08
CA HIS A 87 17.71 -3.18 -21.38
C HIS A 87 17.91 -2.28 -20.16
N ARG A 88 18.49 -2.79 -19.08
CA ARG A 88 18.72 -1.99 -17.89
C ARG A 88 19.94 -1.08 -18.06
N ASN A 89 20.13 -0.19 -17.07
CA ASN A 89 21.26 0.73 -17.04
C ASN A 89 21.34 1.61 -18.28
N ARG A 90 20.19 1.93 -18.87
CA ARG A 90 20.14 2.82 -20.03
C ARG A 90 19.10 3.93 -19.84
N GLY A 91 18.52 4.06 -18.65
CA GLY A 91 17.58 5.11 -18.36
C GLY A 91 16.12 4.75 -18.50
N VAL A 92 15.80 3.50 -18.83
CA VAL A 92 14.39 3.12 -18.99
C VAL A 92 13.68 3.17 -17.64
N GLY A 93 14.29 2.60 -16.61
CA GLY A 93 13.68 2.64 -15.29
C GLY A 93 13.47 4.05 -14.80
N THR A 94 14.46 4.92 -15.00
CA THR A 94 14.30 6.32 -14.64
C THR A 94 13.12 6.95 -15.38
N ALA A 95 13.00 6.64 -16.68
CA ALA A 95 11.92 7.21 -17.48
C ALA A 95 10.55 6.72 -17.01
N LEU A 96 10.45 5.44 -16.65
CA LEU A 96 9.19 4.93 -16.13
C LEU A 96 8.81 5.62 -14.82
N LEU A 97 9.78 5.75 -13.91
CA LEU A 97 9.51 6.38 -12.62
C LEU A 97 9.13 7.85 -12.79
N GLN A 98 9.79 8.55 -13.72
CA GLN A 98 9.39 9.93 -13.97
C GLN A 98 7.96 9.99 -14.47
N ARG A 99 7.57 9.05 -15.33
CA ARG A 99 6.21 9.04 -15.85
C ARG A 99 5.22 8.64 -14.76
N VAL A 100 5.64 7.77 -13.84
CA VAL A 100 4.81 7.48 -12.66
C VAL A 100 4.48 8.77 -11.93
N PHE A 101 5.50 9.57 -11.61
CA PHE A 101 5.24 10.83 -10.92
C PHE A 101 4.33 11.72 -11.76
N GLU A 102 4.53 11.73 -13.09
CA GLU A 102 3.73 12.56 -13.97
C GLU A 102 2.26 12.12 -13.96
N GLU A 103 2.01 10.81 -14.00
CA GLU A 103 0.63 10.33 -14.08
C GLU A 103 -0.09 10.46 -12.75
N ILE A 104 0.57 10.13 -11.64
CA ILE A 104 -0.12 10.25 -10.36
C ILE A 104 -0.38 11.72 -10.06
N ARG A 105 0.46 12.63 -10.59
CA ARG A 105 0.18 14.05 -10.41
C ARG A 105 -1.13 14.43 -11.09
N LYS A 106 -1.49 13.76 -12.18
CA LYS A 106 -2.80 14.01 -12.78
C LYS A 106 -3.95 13.62 -11.86
N HIS A 107 -3.71 12.69 -10.93
CA HIS A 107 -4.70 12.28 -9.94
C HIS A 107 -4.57 13.05 -8.62
N SER A 108 -3.70 14.05 -8.58
CA SER A 108 -3.41 14.80 -7.35
C SER A 108 -3.04 13.86 -6.19
N ALA A 109 -2.29 12.81 -6.49
CA ALA A 109 -1.84 11.90 -5.45
C ALA A 109 -0.92 12.64 -4.50
N GLY A 110 -1.17 12.48 -3.20
CA GLY A 110 -0.39 13.19 -2.20
C GLY A 110 0.94 12.55 -1.85
N GLU A 111 1.19 11.33 -2.30
CA GLU A 111 2.37 10.58 -1.86
C GLU A 111 2.52 9.36 -2.76
N LEU A 112 3.77 8.99 -3.03
CA LEU A 112 4.09 7.74 -3.71
C LEU A 112 4.81 6.84 -2.71
N GLN A 113 4.35 5.60 -2.62
CA GLN A 113 4.93 4.60 -1.74
C GLN A 113 5.42 3.40 -2.55
N ILE A 114 6.52 2.81 -2.12
CA ILE A 114 7.13 1.66 -2.78
C ILE A 114 7.69 0.73 -1.71
N ASN A 115 7.36 -0.55 -1.82
CA ASN A 115 7.94 -1.58 -0.97
C ASN A 115 9.18 -2.12 -1.67
N VAL A 116 10.29 -2.16 -0.94
CA VAL A 116 11.58 -2.56 -1.49
C VAL A 116 12.28 -3.47 -0.49
N ASP A 117 12.80 -4.59 -0.97
CA ASP A 117 13.53 -5.50 -0.09
C ASP A 117 14.86 -4.87 0.32
N GLU A 118 15.22 -5.06 1.59
CA GLU A 118 16.43 -4.45 2.12
C GLU A 118 17.67 -4.90 1.36
N VAL A 119 17.68 -6.16 0.90
CA VAL A 119 18.86 -6.69 0.23
C VAL A 119 19.00 -6.20 -1.20
N ASP A 120 17.96 -5.62 -1.78
N ASP A 120 17.94 -5.66 -1.80
CA ASP A 120 17.99 -5.12 -3.16
CA ASP A 120 18.00 -5.11 -3.16
C ASP A 120 18.66 -3.75 -3.19
C ASP A 120 18.65 -3.73 -3.14
N THR A 121 19.97 -3.75 -2.91
CA THR A 121 20.70 -2.51 -2.76
C THR A 121 20.71 -1.69 -4.06
N ASP A 122 20.80 -2.34 -5.23
CA ASP A 122 20.77 -1.57 -6.46
C ASP A 122 19.43 -0.86 -6.64
N ALA A 123 18.33 -1.57 -6.37
CA ALA A 123 17.02 -0.93 -6.47
C ALA A 123 16.89 0.20 -5.46
N ARG A 124 17.38 -0.01 -4.24
CA ARG A 124 17.33 1.04 -3.22
C ARG A 124 18.10 2.29 -3.65
N ARG A 125 19.31 2.12 -4.18
CA ARG A 125 20.06 3.28 -4.63
C ARG A 125 19.31 4.01 -5.74
N PHE A 126 18.66 3.27 -6.63
CA PHE A 126 17.86 3.86 -7.69
C PHE A 126 16.75 4.74 -7.12
N TYR A 127 15.96 4.17 -6.20
CA TYR A 127 14.86 4.94 -5.62
C TYR A 127 15.38 6.12 -4.80
N GLU A 128 16.47 5.92 -4.06
CA GLU A 128 17.03 7.02 -3.29
C GLU A 128 17.59 8.11 -4.19
N ARG A 129 18.22 7.72 -5.30
CA ARG A 129 18.71 8.72 -6.25
C ARG A 129 17.59 9.53 -6.86
N HIS A 130 16.35 9.03 -6.81
CA HIS A 130 15.21 9.63 -7.50
C HIS A 130 14.15 10.13 -6.53
N GLY A 131 14.57 10.51 -5.32
CA GLY A 131 13.72 11.27 -4.43
C GLY A 131 12.88 10.49 -3.45
N LEU A 132 13.08 9.18 -3.33
CA LEU A 132 12.35 8.40 -2.35
C LEU A 132 13.19 8.19 -1.10
N THR A 133 12.52 8.15 0.06
CA THR A 133 13.21 7.98 1.33
C THR A 133 12.54 6.88 2.14
N ASN A 134 13.39 6.12 2.83
CA ASN A 134 12.97 5.11 3.81
C ASN A 134 12.86 5.69 5.21
N ILE A 135 13.22 6.96 5.41
CA ILE A 135 13.33 7.56 6.74
C ILE A 135 12.11 8.43 7.02
N GLU A 136 11.44 8.16 8.14
CA GLU A 136 10.35 8.97 8.63
C GLU A 136 10.58 9.23 10.11
N GLN A 137 10.63 10.50 10.49
CA GLN A 137 10.87 10.89 11.88
C GLN A 137 12.13 10.22 12.43
N GLY A 138 13.19 10.20 11.62
CA GLY A 138 14.46 9.63 12.06
C GLY A 138 14.49 8.12 12.16
N SER A 139 13.50 7.44 11.59
CA SER A 139 13.38 6.00 11.67
C SER A 139 13.13 5.40 10.30
N ARG A 140 13.74 4.24 10.04
CA ARG A 140 13.36 3.46 8.87
C ARG A 140 11.90 3.04 8.95
N MET A 141 11.26 2.94 7.79
CA MET A 141 9.91 2.39 7.73
C MET A 141 9.98 0.96 7.19
N LEU A 142 9.32 0.07 7.90
CA LEU A 142 9.24 -1.35 7.59
C LEU A 142 7.87 -1.69 7.05
N LEU A 143 7.84 -2.63 6.12
CA LEU A 143 6.61 -3.18 5.56
C LEU A 143 6.39 -4.56 6.19
N TYR A 144 5.30 -4.71 6.93
CA TYR A 144 4.89 -5.96 7.52
C TYR A 144 3.73 -6.53 6.72
N ILE A 145 3.72 -7.85 6.52
CA ILE A 145 2.64 -8.49 5.78
C ILE A 145 2.17 -9.76 6.45
N ARG A 146 0.96 -10.18 6.07
CA ARG A 146 0.48 -11.53 6.28
C ARG A 146 -0.22 -11.98 5.01
N GLU A 147 0.28 -13.03 4.40
CA GLU A 147 -0.34 -13.60 3.21
C GLU A 147 -1.53 -14.45 3.64
N LEU A 148 -2.62 -14.37 2.88
CA LEU A 148 -3.89 -14.93 3.28
C LEU A 148 -4.52 -15.78 2.17
N ILE B 7 -16.86 -4.06 18.46
N ILE B 7 -16.89 -4.06 18.51
CA ILE B 7 -16.25 -3.56 17.23
CA ILE B 7 -16.30 -3.49 17.29
C ILE B 7 -17.32 -3.49 16.15
C ILE B 7 -17.35 -3.46 16.19
N ARG B 8 -17.42 -2.34 15.48
CA ARG B 8 -18.36 -2.16 14.39
C ARG B 8 -17.65 -1.52 13.20
N VAL B 9 -18.18 -1.81 12.01
CA VAL B 9 -17.75 -1.08 10.82
C VAL B 9 -18.37 0.31 10.87
N ALA B 10 -17.55 1.33 10.66
CA ALA B 10 -18.01 2.70 10.75
C ALA B 10 -19.03 3.00 9.65
N GLU B 11 -20.01 3.83 9.99
CA GLU B 11 -20.90 4.44 9.01
C GLU B 11 -20.46 5.88 8.76
N VAL B 12 -20.99 6.47 7.68
CA VAL B 12 -20.69 7.87 7.39
C VAL B 12 -20.94 8.72 8.63
N ALA B 13 -22.00 8.40 9.39
CA ALA B 13 -22.32 9.14 10.60
C ALA B 13 -21.22 9.08 11.65
N ASP B 14 -20.28 8.15 11.53
CA ASP B 14 -19.18 8.02 12.48
C ASP B 14 -17.94 8.82 12.07
N ALA B 15 -17.99 9.54 10.95
CA ALA B 15 -16.79 10.19 10.45
C ALA B 15 -16.18 11.13 11.50
N GLY B 16 -17.03 11.77 12.31
CA GLY B 16 -16.52 12.70 13.30
C GLY B 16 -15.69 12.03 14.39
N VAL B 17 -16.15 10.87 14.85
CA VAL B 17 -15.39 10.18 15.89
C VAL B 17 -14.11 9.60 15.32
N VAL B 18 -14.15 9.08 14.09
CA VAL B 18 -12.92 8.59 13.45
C VAL B 18 -11.92 9.73 13.32
N ALA B 19 -12.39 10.89 12.86
CA ALA B 19 -11.51 12.04 12.71
C ALA B 19 -10.92 12.45 14.06
N LYS B 20 -11.71 12.41 15.13
CA LYS B 20 -11.18 12.77 16.44
C LYS B 20 -10.06 11.83 16.84
N LEU B 21 -10.26 10.52 16.64
CA LEU B 21 -9.25 9.55 17.06
C LEU B 21 -7.96 9.71 16.26
N LEU B 22 -8.05 9.96 14.96
CA LEU B 22 -6.83 10.15 14.17
C LEU B 22 -6.13 11.44 14.60
N ARG B 23 -6.91 12.46 14.94
CA ARG B 23 -6.32 13.69 15.47
C ARG B 23 -5.55 13.41 16.75
N ASP B 24 -6.12 12.62 17.66
CA ASP B 24 -5.45 12.33 18.93
C ASP B 24 -4.20 11.51 18.69
N PHE B 25 -4.30 10.50 17.83
CA PHE B 25 -3.17 9.68 17.41
C PHE B 25 -1.99 10.52 16.95
N ASN B 26 -2.22 11.36 15.94
CA ASN B 26 -1.12 12.10 15.35
C ASN B 26 -0.55 13.12 16.33
N THR B 27 -1.42 13.75 17.12
CA THR B 27 -0.93 14.66 18.16
C THR B 27 -0.02 13.92 19.13
N GLU B 28 -0.44 12.74 19.58
CA GLU B 28 0.39 11.97 20.50
C GLU B 28 1.76 11.68 19.93
N PHE B 29 1.86 11.51 18.61
CA PHE B 29 3.11 11.11 17.97
C PHE B 29 3.81 12.25 17.24
N ASP B 30 3.46 13.50 17.55
CA ASP B 30 4.11 14.67 16.96
C ASP B 30 4.11 14.57 15.43
N THR B 31 2.98 14.15 14.87
CA THR B 31 2.79 14.03 13.44
C THR B 31 1.69 14.99 13.02
N PRO B 32 1.83 15.70 11.90
CA PRO B 32 0.86 16.73 11.55
C PRO B 32 -0.55 16.16 11.45
N VAL B 33 -1.52 16.99 11.81
CA VAL B 33 -2.94 16.67 11.70
C VAL B 33 -3.48 17.39 10.47
N PRO B 34 -3.87 16.68 9.41
CA PRO B 34 -4.43 17.36 8.24
C PRO B 34 -5.74 18.07 8.58
N GLU B 35 -5.99 19.17 7.89
CA GLU B 35 -7.31 19.79 7.94
C GLU B 35 -8.31 18.95 7.17
N GLY B 36 -9.56 18.96 7.63
CA GLY B 36 -10.65 18.37 6.87
C GLY B 36 -10.80 16.88 7.04
N LEU B 37 -10.26 16.31 8.13
CA LEU B 37 -10.28 14.87 8.31
C LEU B 37 -11.71 14.33 8.32
N GLU B 38 -12.63 15.02 8.99
CA GLU B 38 -13.98 14.48 9.12
C GLU B 38 -14.67 14.40 7.77
N GLU B 39 -14.55 15.45 6.96
CA GLU B 39 -15.20 15.48 5.65
C GLU B 39 -14.61 14.42 4.72
N ARG B 40 -13.30 14.21 4.79
CA ARG B 40 -12.71 13.18 3.95
C ARG B 40 -13.11 11.79 4.41
N PHE B 41 -13.12 11.55 5.73
CA PHE B 41 -13.54 10.25 6.21
C PHE B 41 -14.99 9.95 5.83
N ALA B 42 -15.85 10.97 5.86
CA ALA B 42 -17.23 10.77 5.43
C ALA B 42 -17.31 10.30 3.99
N GLN B 43 -16.47 10.86 3.11
CA GLN B 43 -16.48 10.42 1.72
C GLN B 43 -15.87 9.03 1.59
N ILE B 44 -14.75 8.80 2.27
CA ILE B 44 -14.05 7.52 2.17
C ILE B 44 -14.93 6.39 2.67
N ILE B 45 -15.59 6.59 3.81
CA ILE B 45 -16.42 5.57 4.43
C ILE B 45 -17.60 5.23 3.53
N ALA B 46 -18.08 6.20 2.76
CA ALA B 46 -19.20 5.98 1.86
C ALA B 46 -18.85 5.04 0.71
N HIS B 47 -17.57 4.72 0.49
CA HIS B 47 -17.18 3.91 -0.66
C HIS B 47 -16.66 2.55 -0.21
N ASP B 48 -16.49 1.66 -1.19
CA ASP B 48 -16.26 0.25 -0.92
C ASP B 48 -14.79 -0.16 -1.02
N ASP B 49 -13.88 0.74 -1.35
CA ASP B 49 -12.45 0.41 -1.39
C ASP B 49 -11.74 0.73 -0.08
N ALA B 50 -12.49 0.99 0.99
CA ALA B 50 -11.90 1.26 2.29
C ALA B 50 -13.00 1.11 3.34
N PHE B 51 -12.56 0.85 4.56
CA PHE B 51 -13.48 0.84 5.69
C PHE B 51 -12.72 1.19 6.95
N VAL B 52 -13.48 1.61 7.95
CA VAL B 52 -12.97 1.89 9.28
C VAL B 52 -13.72 1.01 10.26
N LEU B 53 -12.97 0.42 11.18
CA LEU B 53 -13.50 -0.30 12.33
C LEU B 53 -13.36 0.58 13.56
N LEU B 54 -14.41 0.62 14.37
CA LEU B 54 -14.44 1.41 15.60
C LEU B 54 -14.64 0.49 16.79
N ALA B 55 -13.78 0.63 17.80
CA ALA B 55 -13.99 -0.01 19.10
C ALA B 55 -14.61 1.05 20.00
N GLY B 56 -15.93 1.00 20.14
CA GLY B 56 -16.64 2.10 20.75
C GLY B 56 -16.20 3.41 20.14
N ASP B 57 -15.85 4.38 20.98
CA ASP B 57 -15.27 5.63 20.53
C ASP B 57 -13.82 5.81 20.99
N ILE B 58 -13.14 4.71 21.32
CA ILE B 58 -11.82 4.78 21.93
C ILE B 58 -10.76 4.07 21.12
N GLY B 59 -11.08 3.56 19.94
CA GLY B 59 -10.08 2.90 19.11
C GLY B 59 -10.55 2.67 17.69
N PHE B 60 -9.62 2.58 16.73
CA PHE B 60 -10.05 2.41 15.35
C PHE B 60 -8.95 1.77 14.52
N ALA B 61 -9.40 1.17 13.42
CA ALA B 61 -8.56 0.59 12.38
C ALA B 61 -9.08 1.14 11.06
N TYR B 62 -8.18 1.72 10.26
CA TYR B 62 -8.50 2.23 8.94
C TYR B 62 -7.81 1.33 7.93
N VAL B 63 -8.58 0.75 7.01
CA VAL B 63 -8.11 -0.27 6.09
C VAL B 63 -8.45 0.16 4.67
N THR B 64 -7.46 0.14 3.78
CA THR B 64 -7.70 0.39 2.37
C THR B 64 -7.51 -0.89 1.57
N LEU B 65 -8.24 -0.99 0.47
CA LEU B 65 -8.19 -2.12 -0.44
C LEU B 65 -7.76 -1.61 -1.81
N ARG B 66 -6.90 -2.37 -2.48
CA ARG B 66 -6.46 -1.99 -3.82
C ARG B 66 -6.24 -3.26 -4.63
N PRO B 67 -6.33 -3.17 -5.94
CA PRO B 67 -6.27 -4.38 -6.77
C PRO B 67 -4.87 -4.97 -6.84
N SER B 68 -4.83 -6.27 -7.13
CA SER B 68 -3.59 -6.99 -7.35
C SER B 68 -3.77 -7.98 -8.48
N PRO B 69 -2.75 -8.13 -9.34
CA PRO B 69 -2.80 -9.18 -10.36
C PRO B 69 -2.52 -10.58 -9.83
N TYR B 70 -2.14 -10.69 -8.57
CA TYR B 70 -1.81 -11.98 -7.97
C TYR B 70 -3.02 -12.70 -7.39
N TYR B 71 -4.09 -11.96 -7.12
CA TYR B 71 -5.26 -12.45 -6.41
C TYR B 71 -6.51 -11.96 -7.13
N ASP B 72 -7.56 -12.77 -7.10
CA ASP B 72 -8.85 -12.24 -7.55
C ASP B 72 -9.30 -11.09 -6.67
N GLY B 73 -8.98 -11.13 -5.38
CA GLY B 73 -9.37 -10.12 -4.45
C GLY B 73 -8.31 -9.04 -4.31
N PRO B 74 -8.56 -8.07 -3.44
CA PRO B 74 -7.63 -6.95 -3.28
C PRO B 74 -6.47 -7.29 -2.33
N VAL B 75 -5.49 -6.40 -2.34
N VAL B 75 -5.48 -6.40 -2.33
CA VAL B 75 -4.50 -6.32 -1.26
CA VAL B 75 -4.50 -6.32 -1.27
C VAL B 75 -5.04 -5.32 -0.24
C VAL B 75 -4.99 -5.31 -0.24
N ALA B 76 -5.03 -5.71 1.02
CA ALA B 76 -5.48 -4.82 2.09
C ALA B 76 -4.28 -4.16 2.75
N MET B 77 -4.46 -2.91 3.16
N MET B 77 -4.45 -2.90 3.14
CA MET B 77 -3.45 -2.13 3.87
CA MET B 77 -3.44 -2.18 3.90
C MET B 77 -4.07 -1.57 5.15
C MET B 77 -4.07 -1.60 5.15
N LEU B 78 -3.46 -1.86 6.29
CA LEU B 78 -3.89 -1.32 7.58
C LEU B 78 -3.16 0.02 7.74
N ASP B 79 -3.78 1.08 7.23
CA ASP B 79 -3.13 2.38 7.16
C ASP B 79 -3.06 3.10 8.50
N GLU B 80 -3.97 2.80 9.43
CA GLU B 80 -3.95 3.36 10.77
C GLU B 80 -4.52 2.34 11.75
N LEU B 81 -3.83 2.11 12.85
CA LEU B 81 -4.35 1.32 13.97
C LEU B 81 -4.04 2.07 15.25
N TYR B 82 -5.06 2.31 16.07
CA TYR B 82 -4.90 3.16 17.24
C TYR B 82 -5.94 2.83 18.30
N VAL B 83 -5.49 2.77 19.54
CA VAL B 83 -6.36 2.67 20.70
C VAL B 83 -5.97 3.79 21.66
N ALA B 84 -6.96 4.48 22.21
CA ALA B 84 -6.71 5.61 23.07
C ALA B 84 -5.82 5.20 24.25
N PRO B 85 -4.91 6.06 24.70
CA PRO B 85 -3.93 5.62 25.72
C PRO B 85 -4.56 5.04 26.97
N ALA B 86 -5.64 5.61 27.48
CA ALA B 86 -6.23 5.12 28.71
C ALA B 86 -6.90 3.75 28.54
N HIS B 87 -7.01 3.24 27.32
CA HIS B 87 -7.72 2.00 27.06
C HIS B 87 -6.81 0.93 26.45
N ARG B 88 -5.51 1.15 26.45
CA ARG B 88 -4.56 0.22 25.88
C ARG B 88 -4.27 -0.92 26.87
N ASN B 89 -3.55 -1.93 26.36
CA ASN B 89 -3.14 -3.10 27.14
C ASN B 89 -4.32 -3.81 27.79
N ARG B 90 -5.48 -3.77 27.14
CA ARG B 90 -6.65 -4.50 27.60
C ARG B 90 -7.22 -5.41 26.52
N GLY B 91 -6.55 -5.53 25.38
CA GLY B 91 -7.00 -6.40 24.31
C GLY B 91 -7.81 -5.70 23.22
N VAL B 92 -7.99 -4.39 23.31
CA VAL B 92 -8.78 -3.69 22.31
C VAL B 92 -8.10 -3.77 20.95
N GLY B 93 -6.79 -3.47 20.91
CA GLY B 93 -6.07 -3.52 19.64
C GLY B 93 -6.05 -4.92 19.06
N THR B 94 -5.91 -5.92 19.91
CA THR B 94 -5.99 -7.30 19.45
C THR B 94 -7.34 -7.58 18.80
N ALA B 95 -8.42 -7.13 19.44
CA ALA B 95 -9.76 -7.34 18.90
C ALA B 95 -9.94 -6.57 17.59
N LEU B 96 -9.40 -5.35 17.50
CA LEU B 96 -9.48 -4.60 16.27
C LEU B 96 -8.77 -5.33 15.14
N LEU B 97 -7.55 -5.81 15.40
CA LEU B 97 -6.79 -6.46 14.33
C LEU B 97 -7.46 -7.76 13.89
N GLN B 98 -8.01 -8.53 14.82
CA GLN B 98 -8.71 -9.74 14.44
C GLN B 98 -9.90 -9.41 13.54
N ARG B 99 -10.59 -8.31 13.83
CA ARG B 99 -11.73 -7.92 13.00
C ARG B 99 -11.29 -7.41 11.64
N VAL B 100 -10.11 -6.80 11.56
CA VAL B 100 -9.52 -6.47 10.27
C VAL B 100 -9.42 -7.71 9.40
N PHE B 101 -8.77 -8.75 9.92
CA PHE B 101 -8.67 -10.00 9.18
C PHE B 101 -10.05 -10.53 8.80
N GLU B 102 -11.01 -10.48 9.72
CA GLU B 102 -12.33 -11.01 9.40
C GLU B 102 -13.00 -10.21 8.28
N GLU B 103 -12.84 -8.89 8.31
CA GLU B 103 -13.52 -8.05 7.33
C GLU B 103 -12.85 -8.14 5.97
N ILE B 104 -11.52 -8.16 5.92
CA ILE B 104 -10.86 -8.28 4.62
C ILE B 104 -11.10 -9.67 4.04
N ARG B 105 -11.31 -10.68 4.90
CA ARG B 105 -11.64 -12.01 4.41
C ARG B 105 -12.97 -12.00 3.65
N LYS B 106 -13.91 -11.17 4.10
CA LYS B 106 -15.16 -11.01 3.37
C LYS B 106 -14.93 -10.43 1.98
N HIS B 107 -13.85 -9.69 1.81
CA HIS B 107 -13.46 -9.16 0.50
C HIS B 107 -12.52 -10.09 -0.25
N SER B 108 -12.26 -11.28 0.30
CA SER B 108 -11.30 -12.22 -0.29
C SER B 108 -9.94 -11.58 -0.52
N ALA B 109 -9.52 -10.72 0.42
CA ALA B 109 -8.21 -10.09 0.32
C ALA B 109 -7.12 -11.15 0.39
N GLY B 110 -6.14 -11.03 -0.50
CA GLY B 110 -5.06 -11.99 -0.56
C GLY B 110 -3.93 -11.76 0.41
N GLU B 111 -3.89 -10.59 1.05
CA GLU B 111 -2.75 -10.21 1.87
C GLU B 111 -3.11 -8.96 2.66
N LEU B 112 -2.56 -8.85 3.86
CA LEU B 112 -2.62 -7.63 4.64
C LEU B 112 -1.21 -7.04 4.72
N GLN B 113 -1.12 -5.73 4.49
CA GLN B 113 0.15 -5.02 4.55
C GLN B 113 0.04 -3.87 5.55
N ILE B 114 1.14 -3.61 6.26
CA ILE B 114 1.20 -2.58 7.27
C ILE B 114 2.56 -1.90 7.20
N ASN B 115 2.54 -0.57 7.13
CA ASN B 115 3.72 0.28 7.26
C ASN B 115 3.95 0.54 8.75
N VAL B 116 5.12 0.17 9.26
CA VAL B 116 5.44 0.27 10.67
C VAL B 116 6.82 0.92 10.81
N ASP B 117 6.93 1.93 11.66
CA ASP B 117 8.23 2.53 11.89
C ASP B 117 9.10 1.60 12.71
N GLU B 118 10.36 1.45 12.29
CA GLU B 118 11.26 0.48 12.92
C GLU B 118 11.42 0.74 14.41
N VAL B 119 11.43 2.01 14.83
CA VAL B 119 11.66 2.30 16.24
C VAL B 119 10.47 1.93 17.12
N ASP B 120 9.30 1.68 16.54
CA ASP B 120 8.09 1.32 17.29
C ASP B 120 8.14 -0.16 17.67
N THR B 121 9.05 -0.48 18.59
CA THR B 121 9.27 -1.88 18.91
C THR B 121 8.07 -2.50 19.63
N ASP B 122 7.33 -1.72 20.42
CA ASP B 122 6.15 -2.26 21.09
C ASP B 122 5.07 -2.61 20.08
N ALA B 123 4.84 -1.73 19.10
CA ALA B 123 3.87 -2.04 18.05
C ALA B 123 4.35 -3.23 17.22
N ARG B 124 5.65 -3.28 16.92
CA ARG B 124 6.17 -4.40 16.13
C ARG B 124 6.00 -5.73 16.87
N ARG B 125 6.22 -5.72 18.20
CA ARG B 125 5.97 -6.92 18.99
C ARG B 125 4.50 -7.32 18.91
N PHE B 126 3.59 -6.35 18.98
CA PHE B 126 2.18 -6.64 18.85
C PHE B 126 1.89 -7.26 17.49
N TYR B 127 2.40 -6.67 16.41
CA TYR B 127 2.11 -7.19 15.07
C TYR B 127 2.70 -8.57 14.86
N GLU B 128 3.94 -8.78 15.29
CA GLU B 128 4.57 -10.07 15.10
C GLU B 128 3.88 -11.15 15.93
N ARG B 129 3.39 -10.78 17.12
CA ARG B 129 2.62 -11.71 17.92
C ARG B 129 1.38 -12.21 17.17
N HIS B 130 0.81 -11.36 16.31
CA HIS B 130 -0.43 -11.67 15.62
C HIS B 130 -0.23 -11.97 14.14
N GLY B 131 0.92 -12.54 13.79
CA GLY B 131 1.10 -13.21 12.53
C GLY B 131 1.57 -12.37 11.38
N LEU B 132 2.04 -11.15 11.62
CA LEU B 132 2.63 -10.33 10.56
C LEU B 132 4.14 -10.48 10.58
N THR B 133 4.74 -10.46 9.39
N THR B 133 4.74 -10.42 9.39
CA THR B 133 6.16 -10.65 9.23
CA THR B 133 6.16 -10.67 9.19
C THR B 133 6.77 -9.53 8.40
C THR B 133 6.77 -9.54 8.37
N ASN B 134 7.98 -9.12 8.77
CA ASN B 134 8.75 -8.15 8.01
C ASN B 134 9.83 -8.81 7.17
N ILE B 135 10.02 -10.12 7.31
CA ILE B 135 11.09 -10.85 6.61
C ILE B 135 10.50 -11.56 5.41
N GLU B 136 11.14 -11.42 4.26
CA GLU B 136 10.75 -12.13 3.03
C GLU B 136 12.02 -12.67 2.41
N GLN B 137 12.25 -13.98 2.56
CA GLN B 137 13.44 -14.64 2.02
C GLN B 137 14.71 -14.12 2.69
N GLY B 138 14.69 -14.08 4.02
CA GLY B 138 15.83 -13.64 4.80
C GLY B 138 16.10 -12.15 4.80
N SER B 139 15.28 -11.34 4.11
CA SER B 139 15.51 -9.91 3.98
C SER B 139 14.32 -9.14 4.56
N ARG B 140 14.62 -8.04 5.23
CA ARG B 140 13.58 -7.14 5.70
C ARG B 140 12.97 -6.39 4.53
N MET B 141 11.68 -6.10 4.65
CA MET B 141 10.95 -5.36 3.64
C MET B 141 10.89 -3.90 4.09
N LEU B 142 11.32 -2.99 3.24
CA LEU B 142 11.37 -1.57 3.55
C LEU B 142 10.32 -0.80 2.78
N LEU B 143 9.81 0.27 3.38
CA LEU B 143 8.83 1.14 2.74
C LEU B 143 9.53 2.45 2.43
N TYR B 144 9.56 2.81 1.15
CA TYR B 144 10.08 4.08 0.67
C TYR B 144 8.93 4.96 0.20
N ILE B 145 9.04 6.28 0.45
CA ILE B 145 7.97 7.21 0.11
C ILE B 145 8.57 8.47 -0.50
N ARG B 146 7.71 9.19 -1.21
CA ARG B 146 7.96 10.58 -1.54
C ARG B 146 6.66 11.35 -1.36
N GLU B 147 6.67 12.31 -0.45
CA GLU B 147 5.52 13.18 -0.26
C GLU B 147 5.50 14.21 -1.38
N LEU B 148 4.32 14.43 -1.95
CA LEU B 148 4.13 15.23 -3.15
C LEU B 148 3.18 16.39 -2.87
#